data_9GQG
#
_entry.id   9GQG
#
_cell.length_a   48.157
_cell.length_b   48.157
_cell.length_c   188.036
_cell.angle_alpha   90
_cell.angle_beta   90
_cell.angle_gamma   120
#
_symmetry.space_group_name_H-M   'P 32 2 1'
#
loop_
_entity.id
_entity.type
_entity.pdbx_description
1 polymer 'Peptidyl-prolyl cis-trans isomerase FKBP5'
2 non-polymer (2~{S},9~{S},12~{R},13~{R},14~{E},18~{S})-2-cyclohexyl-18-(hydroxymethyl)-22,23-dimethoxy-12,13-dimethyl-11,17,20-trioxa-4-azatricyclo[19.3.1.0^{4,9}]pentacosa-1(25),14,21,23-tetraene-3,10-dione
3 water water
#
_entity_poly.entity_id   1
_entity_poly.type   'polypeptide(L)'
_entity_poly.pdbx_seq_one_letter_code
;GAPATVTEQGEDITSKKDRGVLKIVKRVGNGEETPMIGDKVYVHYKGKLSNGKKFDSSHDRNEPFVFSLGKGQVIKAWDI
GVATMKKGEIAHLLIKPEYAYGSAGSLPKIPSNATLFFEIELLDFKGE
;
_entity_poly.pdbx_strand_id   A,B
#
loop_
_chem_comp.id
_chem_comp.type
_chem_comp.name
_chem_comp.formula
A1IOG non-polymer (2~{S},9~{S},12~{R},13~{R},14~{E},18~{S})-2-cyclohexyl-18-(hydroxymethyl)-22,23-dimethoxy-12,13-dimethyl-11,17,20-trioxa-4-azatricyclo[19.3.1.0^{4,9}]pentacosa-1(25),14,21,23-tetraene-3,10-dione 'C32 H47 N O8'
#
# COMPACT_ATOMS: atom_id res chain seq x y z
N GLY A 1 -18.09 -24.66 -9.31
CA GLY A 1 -18.32 -23.67 -8.25
C GLY A 1 -17.95 -22.24 -8.68
N ALA A 2 -18.01 -21.32 -7.69
CA ALA A 2 -17.89 -19.90 -7.99
C ALA A 2 -16.52 -19.67 -8.66
N PRO A 3 -15.40 -20.23 -8.18
CA PRO A 3 -14.12 -19.84 -8.79
C PRO A 3 -13.96 -20.36 -10.21
N ALA A 4 -14.37 -21.60 -10.44
CA ALA A 4 -14.30 -22.21 -11.76
C ALA A 4 -15.09 -21.37 -12.73
N THR A 5 -16.23 -20.83 -12.29
CA THR A 5 -17.10 -20.04 -13.18
C THR A 5 -16.33 -18.77 -13.57
N VAL A 6 -15.55 -18.30 -12.63
CA VAL A 6 -14.77 -17.13 -12.94
C VAL A 6 -13.64 -17.40 -13.94
N THR A 7 -12.85 -18.43 -13.65
CA THR A 7 -11.84 -18.93 -14.56
C THR A 7 -12.50 -19.02 -15.93
N GLU A 8 -13.62 -19.70 -16.02
CA GLU A 8 -14.10 -20.06 -17.35
C GLU A 8 -14.71 -18.82 -18.00
N GLN A 9 -15.46 -17.96 -17.29
CA GLN A 9 -16.34 -16.95 -17.85
C GLN A 9 -15.90 -15.53 -17.50
N GLY A 10 -14.98 -15.37 -16.56
CA GLY A 10 -14.72 -14.02 -16.07
C GLY A 10 -13.91 -13.14 -17.02
N GLU A 11 -14.09 -11.82 -16.87
CA GLU A 11 -13.39 -10.81 -17.65
C GLU A 11 -12.01 -10.49 -17.01
N ASP A 12 -10.98 -10.27 -17.81
CA ASP A 12 -9.62 -9.99 -17.36
C ASP A 12 -9.50 -8.50 -17.24
N ILE A 13 -9.45 -7.99 -16.02
CA ILE A 13 -9.50 -6.54 -15.82
C ILE A 13 -8.13 -5.96 -15.55
N THR A 14 -7.09 -6.72 -15.83
CA THR A 14 -5.75 -6.17 -15.66
C THR A 14 -5.43 -5.29 -16.85
N SER A 15 -4.43 -4.42 -16.64
CA SER A 15 -3.90 -3.63 -17.74
C SER A 15 -3.01 -4.49 -18.63
N LYS A 16 -2.18 -5.31 -17.99
CA LYS A 16 -1.28 -6.15 -18.73
C LYS A 16 -2.02 -7.27 -19.46
N LYS A 17 -3.30 -7.53 -19.17
CA LYS A 17 -4.05 -8.65 -19.70
C LYS A 17 -3.37 -9.98 -19.44
N ASP A 18 -3.02 -10.22 -18.17
CA ASP A 18 -2.26 -11.41 -17.82
C ASP A 18 -3.13 -12.36 -17.02
N ARG A 19 -4.44 -12.14 -17.07
CA ARG A 19 -5.45 -12.88 -16.31
C ARG A 19 -5.15 -12.90 -14.81
N GLY A 20 -4.53 -11.86 -14.25
CA GLY A 20 -4.22 -11.91 -12.82
C GLY A 20 -5.38 -11.55 -11.92
N VAL A 21 -6.35 -10.79 -12.49
CA VAL A 21 -7.55 -10.41 -11.81
C VAL A 21 -8.69 -10.66 -12.79
N LEU A 22 -9.56 -11.59 -12.46
CA LEU A 22 -10.74 -11.86 -13.32
C LEU A 22 -11.97 -11.50 -12.48
N LYS A 23 -12.99 -11.01 -13.19
CA LYS A 23 -14.18 -10.55 -12.54
C LYS A 23 -15.46 -11.02 -13.22
N ILE A 24 -16.41 -11.38 -12.36
CA ILE A 24 -17.81 -11.58 -12.80
C ILE A 24 -18.71 -10.76 -11.88
N VAL A 25 -19.52 -9.99 -12.55
CA VAL A 25 -20.60 -9.25 -11.92
C VAL A 25 -21.73 -10.23 -11.60
N LYS A 26 -22.08 -10.36 -10.33
CA LYS A 26 -23.06 -11.30 -9.88
C LYS A 26 -24.34 -10.54 -9.62
N ARG A 27 -24.25 -9.29 -9.13
CA ARG A 27 -25.45 -8.46 -9.00
C ARG A 27 -25.13 -7.08 -9.56
N VAL A 28 -25.92 -6.63 -10.51
CA VAL A 28 -25.75 -5.31 -11.08
C VAL A 28 -26.17 -4.26 -10.04
N GLY A 29 -25.37 -3.18 -9.89
CA GLY A 29 -25.74 -2.06 -9.03
C GLY A 29 -26.61 -1.04 -9.75
N ASN A 30 -27.07 -0.04 -9.01
CA ASN A 30 -27.72 1.08 -9.64
C ASN A 30 -26.72 2.23 -9.58
N GLY A 31 -26.98 3.21 -10.42
CA GLY A 31 -26.02 4.31 -10.55
C GLY A 31 -24.85 3.89 -11.44
N GLU A 32 -24.25 4.93 -12.05
CA GLU A 32 -23.33 4.80 -13.18
C GLU A 32 -21.88 5.04 -12.69
N GLU A 33 -21.65 5.74 -11.57
CA GLU A 33 -20.31 6.17 -11.16
C GLU A 33 -19.60 4.99 -10.51
N THR A 34 -18.36 4.77 -10.95
CA THR A 34 -17.44 3.91 -10.23
C THR A 34 -16.33 4.73 -9.64
N PRO A 35 -15.79 4.37 -8.44
CA PRO A 35 -15.07 5.30 -7.60
C PRO A 35 -13.64 5.57 -8.03
N MET A 36 -13.09 6.68 -7.52
CA MET A 36 -11.79 7.16 -7.97
C MET A 36 -10.78 6.99 -6.87
N ILE A 37 -9.53 7.14 -7.27
CA ILE A 37 -8.42 7.08 -6.34
C ILE A 37 -8.77 8.06 -5.27
N GLY A 38 -8.56 7.66 -4.02
CA GLY A 38 -8.69 8.57 -2.90
C GLY A 38 -10.10 8.49 -2.29
N ASP A 39 -11.07 7.92 -3.01
CA ASP A 39 -12.41 7.78 -2.47
C ASP A 39 -12.39 6.85 -1.25
N LYS A 40 -13.28 7.20 -0.33
CA LYS A 40 -13.48 6.36 0.84
C LYS A 40 -14.58 5.38 0.45
N VAL A 41 -14.28 4.08 0.67
CA VAL A 41 -15.10 3.02 0.10
C VAL A 41 -15.55 2.07 1.19
N TYR A 42 -16.85 1.71 1.09
CA TYR A 42 -17.52 0.84 2.05
C TYR A 42 -17.95 -0.46 1.40
N VAL A 43 -17.46 -1.57 1.92
CA VAL A 43 -17.84 -2.84 1.32
C VAL A 43 -18.22 -3.86 2.38
N HIS A 44 -19.02 -4.82 1.92
CA HIS A 44 -19.01 -6.15 2.48
C HIS A 44 -18.31 -7.12 1.53
N TYR A 45 -17.65 -8.11 2.15
CA TYR A 45 -16.97 -9.12 1.38
C TYR A 45 -16.85 -10.42 2.16
N LYS A 46 -16.54 -11.46 1.37
CA LYS A 46 -16.02 -12.70 1.85
C LYS A 46 -14.89 -13.05 0.94
N GLY A 47 -13.86 -13.66 1.52
CA GLY A 47 -12.74 -14.14 0.74
C GLY A 47 -12.35 -15.53 1.19
N LYS A 48 -11.59 -16.25 0.36
CA LYS A 48 -11.00 -17.56 0.71
C LYS A 48 -9.81 -17.82 -0.22
N LEU A 49 -8.93 -18.77 0.18
CA LEU A 49 -7.89 -19.26 -0.70
C LEU A 49 -8.69 -20.09 -1.70
N SER A 50 -8.26 -20.09 -2.94
CA SER A 50 -9.06 -20.70 -4.02
C SER A 50 -9.31 -22.18 -3.78
N ASN A 51 -8.42 -22.88 -3.01
CA ASN A 51 -8.56 -24.26 -2.58
C ASN A 51 -9.12 -24.44 -1.16
N GLY A 52 -10.03 -23.54 -0.70
CA GLY A 52 -10.58 -23.58 0.66
C GLY A 52 -9.61 -23.14 1.76
N LYS A 53 -9.57 -23.87 2.87
CA LYS A 53 -8.52 -23.79 3.87
C LYS A 53 -8.69 -22.55 4.80
N LYS A 54 -8.61 -21.29 4.34
CA LYS A 54 -8.79 -20.06 5.13
C LYS A 54 -9.88 -19.18 4.47
N PHE A 55 -10.59 -18.48 5.34
CA PHE A 55 -11.83 -17.78 5.02
C PHE A 55 -11.86 -16.54 5.88
N ASP A 56 -12.41 -15.48 5.33
CA ASP A 56 -12.56 -14.23 6.01
C ASP A 56 -13.79 -13.51 5.43
N SER A 57 -14.57 -12.82 6.27
CA SER A 57 -15.78 -12.10 5.90
C SER A 57 -15.91 -10.86 6.79
N SER A 58 -16.21 -9.70 6.20
CA SER A 58 -16.68 -8.53 6.93
C SER A 58 -17.83 -8.84 7.87
N HIS A 59 -18.77 -9.72 7.49
CA HIS A 59 -19.91 -9.99 8.36
C HIS A 59 -19.42 -10.57 9.69
N ASP A 60 -18.23 -11.17 9.69
CA ASP A 60 -17.58 -11.64 10.91
C ASP A 60 -17.14 -10.44 11.79
N ARG A 61 -17.11 -9.19 11.35
CA ARG A 61 -16.88 -8.08 12.28
C ARG A 61 -18.22 -7.33 12.51
N ASN A 62 -19.32 -7.96 12.08
CA ASN A 62 -20.64 -7.34 11.94
C ASN A 62 -20.58 -5.89 11.42
N GLU A 63 -19.67 -5.56 10.51
CA GLU A 63 -19.54 -4.15 10.13
C GLU A 63 -18.90 -4.09 8.75
N PRO A 64 -19.18 -3.04 7.95
CA PRO A 64 -18.61 -2.97 6.63
C PRO A 64 -17.13 -2.74 6.77
N PHE A 65 -16.36 -3.23 5.79
CA PHE A 65 -14.95 -2.87 5.66
C PHE A 65 -14.85 -1.57 4.83
N VAL A 66 -14.03 -0.66 5.33
CA VAL A 66 -13.91 0.70 4.82
C VAL A 66 -12.43 0.88 4.53
N PHE A 67 -12.09 1.41 3.34
CA PHE A 67 -10.71 1.74 3.05
C PHE A 67 -10.67 2.86 2.02
N SER A 68 -9.47 3.40 1.84
CA SER A 68 -9.26 4.46 0.86
C SER A 68 -8.75 3.85 -0.44
N LEU A 69 -9.49 4.10 -1.53
CA LEU A 69 -9.26 3.37 -2.74
C LEU A 69 -8.00 3.84 -3.39
N GLY A 70 -7.24 2.90 -3.95
CA GLY A 70 -6.12 3.22 -4.79
C GLY A 70 -4.85 3.67 -4.02
N LYS A 71 -4.79 3.51 -2.69
CA LYS A 71 -3.68 3.95 -1.87
C LYS A 71 -2.86 2.72 -1.47
N GLY A 72 -3.08 1.56 -2.10
CA GLY A 72 -2.46 0.34 -1.66
C GLY A 72 -2.65 0.05 -0.15
N GLN A 73 -3.80 0.36 0.47
CA GLN A 73 -4.09 -0.15 1.81
C GLN A 73 -4.69 -1.54 1.72
N VAL A 74 -4.97 -1.98 0.47
CA VAL A 74 -5.40 -3.32 0.21
C VAL A 74 -4.55 -3.92 -0.90
N ILE A 75 -4.71 -5.22 -1.14
CA ILE A 75 -3.99 -5.83 -2.22
C ILE A 75 -4.35 -5.16 -3.54
N LYS A 76 -3.40 -5.19 -4.48
CA LYS A 76 -3.49 -4.56 -5.81
C LYS A 76 -4.84 -4.94 -6.44
N ALA A 77 -5.23 -6.18 -6.39
CA ALA A 77 -6.37 -6.59 -7.18
C ALA A 77 -7.65 -5.89 -6.69
N TRP A 78 -7.66 -5.52 -5.40
CA TRP A 78 -8.81 -4.82 -4.86
C TRP A 78 -8.82 -3.40 -5.36
N ASP A 79 -7.67 -2.73 -5.40
CA ASP A 79 -7.58 -1.38 -5.93
C ASP A 79 -8.04 -1.37 -7.38
N ILE A 80 -7.72 -2.42 -8.11
CA ILE A 80 -8.08 -2.54 -9.51
C ILE A 80 -9.55 -2.89 -9.58
N GLY A 81 -10.00 -3.90 -8.80
CA GLY A 81 -11.31 -4.49 -8.99
C GLY A 81 -12.41 -3.59 -8.44
N VAL A 82 -12.25 -3.13 -7.20
CA VAL A 82 -13.26 -2.30 -6.62
C VAL A 82 -13.46 -1.02 -7.43
N ALA A 83 -12.44 -0.52 -8.11
CA ALA A 83 -12.60 0.65 -8.93
C ALA A 83 -13.53 0.39 -10.13
N THR A 84 -13.73 -0.88 -10.52
CA THR A 84 -14.56 -1.14 -11.69
C THR A 84 -16.01 -1.26 -11.23
N MET A 85 -16.32 -1.12 -9.96
CA MET A 85 -17.65 -1.48 -9.50
C MET A 85 -18.50 -0.23 -9.29
N LYS A 86 -19.82 -0.40 -9.40
CA LYS A 86 -20.83 0.59 -9.10
C LYS A 86 -21.48 0.28 -7.76
N LYS A 87 -22.03 1.33 -7.11
CA LYS A 87 -22.73 1.19 -5.85
C LYS A 87 -23.93 0.22 -6.01
N GLY A 88 -23.97 -0.70 -5.05
CA GLY A 88 -24.92 -1.79 -5.06
C GLY A 88 -24.45 -3.04 -5.78
N GLU A 89 -23.37 -2.98 -6.56
CA GLU A 89 -22.83 -4.12 -7.29
C GLU A 89 -22.27 -5.18 -6.35
N ILE A 90 -22.43 -6.44 -6.77
CA ILE A 90 -21.72 -7.55 -6.14
C ILE A 90 -20.94 -8.22 -7.23
N ALA A 91 -19.68 -8.47 -6.91
CA ALA A 91 -18.77 -9.07 -7.85
C ALA A 91 -17.97 -10.22 -7.27
N HIS A 92 -17.47 -11.08 -8.17
CA HIS A 92 -16.60 -12.18 -7.84
C HIS A 92 -15.30 -11.81 -8.52
N LEU A 93 -14.23 -11.89 -7.73
CA LEU A 93 -12.90 -11.78 -8.25
C LEU A 93 -12.13 -13.05 -7.95
N LEU A 94 -11.40 -13.48 -8.94
CA LEU A 94 -10.35 -14.48 -8.78
C LEU A 94 -8.99 -13.88 -9.16
N ILE A 95 -8.02 -14.09 -8.23
CA ILE A 95 -6.80 -13.32 -8.25
C ILE A 95 -5.55 -14.21 -8.19
N LYS A 96 -4.64 -14.05 -9.14
CA LYS A 96 -3.35 -14.73 -9.10
C LYS A 96 -2.44 -14.08 -8.05
N PRO A 97 -1.38 -14.77 -7.58
CA PRO A 97 -0.55 -14.26 -6.51
C PRO A 97 0.10 -12.91 -6.73
N GLU A 98 0.41 -12.61 -7.97
CA GLU A 98 1.03 -11.37 -8.42
C GLU A 98 0.18 -10.14 -8.08
N TYR A 99 -1.15 -10.28 -7.92
CA TYR A 99 -2.00 -9.18 -7.55
C TYR A 99 -2.54 -9.36 -6.14
N ALA A 100 -1.85 -10.17 -5.34
CA ALA A 100 -2.24 -10.48 -4.00
C ALA A 100 -0.97 -10.53 -3.14
N TYR A 101 -0.55 -11.68 -2.60
CA TYR A 101 0.60 -11.64 -1.69
C TYR A 101 1.89 -12.24 -2.26
N GLY A 102 1.93 -12.53 -3.56
CA GLY A 102 3.10 -13.04 -4.24
C GLY A 102 3.66 -14.32 -3.62
N SER A 103 4.97 -14.52 -3.77
CA SER A 103 5.65 -15.71 -3.31
C SER A 103 5.89 -15.67 -1.82
N ALA A 104 5.93 -14.50 -1.24
CA ALA A 104 6.21 -14.42 0.17
C ALA A 104 4.95 -14.83 0.93
N GLY A 105 3.74 -14.61 0.37
CA GLY A 105 2.56 -14.97 1.13
C GLY A 105 2.53 -14.15 2.43
N SER A 106 1.77 -14.59 3.43
CA SER A 106 1.54 -13.83 4.64
C SER A 106 0.86 -14.73 5.70
N LEU A 107 1.66 -15.38 6.51
CA LEU A 107 1.12 -16.25 7.53
C LEU A 107 0.37 -15.49 8.62
N PRO A 108 -0.64 -16.14 9.28
CA PRO A 108 -0.98 -17.55 9.05
C PRO A 108 -2.04 -17.71 7.96
N LYS A 109 -2.55 -16.57 7.45
CA LYS A 109 -3.71 -16.64 6.60
C LYS A 109 -3.31 -17.16 5.20
N ILE A 110 -2.14 -16.76 4.65
CA ILE A 110 -1.85 -16.82 3.24
C ILE A 110 -0.58 -17.58 3.01
N PRO A 111 -0.64 -18.73 2.29
CA PRO A 111 0.56 -19.36 1.77
C PRO A 111 1.20 -18.65 0.59
N SER A 112 2.38 -19.16 0.30
CA SER A 112 3.17 -18.73 -0.82
C SER A 112 2.36 -18.92 -2.09
N ASN A 113 2.39 -17.95 -2.98
CA ASN A 113 1.82 -18.06 -4.31
C ASN A 113 0.34 -18.45 -4.31
N ALA A 114 -0.41 -17.94 -3.35
CA ALA A 114 -1.79 -18.24 -3.25
C ALA A 114 -2.63 -17.48 -4.29
N THR A 115 -3.59 -18.21 -4.88
CA THR A 115 -4.72 -17.61 -5.59
C THR A 115 -5.85 -17.37 -4.63
N LEU A 116 -6.52 -16.21 -4.72
CA LEU A 116 -7.58 -15.78 -3.80
C LEU A 116 -8.89 -15.61 -4.55
N PHE A 117 -9.98 -15.81 -3.84
CA PHE A 117 -11.30 -15.54 -4.38
C PHE A 117 -12.06 -14.68 -3.39
N PHE A 118 -12.75 -13.63 -3.90
CA PHE A 118 -13.65 -12.80 -3.15
C PHE A 118 -15.01 -12.63 -3.80
N GLU A 119 -15.99 -12.44 -2.92
CA GLU A 119 -17.27 -11.83 -3.29
C GLU A 119 -17.28 -10.48 -2.59
N ILE A 120 -17.52 -9.41 -3.37
CA ILE A 120 -17.50 -8.05 -2.86
C ILE A 120 -18.80 -7.37 -3.21
N GLU A 121 -19.34 -6.70 -2.17
CA GLU A 121 -20.49 -5.86 -2.30
C GLU A 121 -20.08 -4.40 -2.06
N LEU A 122 -20.22 -3.57 -3.08
CA LEU A 122 -19.91 -2.17 -2.95
C LEU A 122 -21.09 -1.44 -2.36
N LEU A 123 -20.92 -0.97 -1.10
CA LEU A 123 -22.08 -0.39 -0.44
C LEU A 123 -22.18 1.04 -0.85
N ASP A 124 -21.07 1.74 -0.77
CA ASP A 124 -21.07 3.18 -0.94
C ASP A 124 -19.64 3.63 -1.14
N PHE A 125 -19.49 4.89 -1.62
CA PHE A 125 -18.19 5.57 -1.65
C PHE A 125 -18.42 7.06 -1.60
N LYS A 126 -17.55 7.74 -0.84
CA LYS A 126 -17.56 9.18 -0.59
C LYS A 126 -16.22 9.77 -1.03
N GLY A 127 -16.19 11.04 -1.40
CA GLY A 127 -14.95 11.79 -1.64
C GLY A 127 -14.10 11.98 -0.38
N GLU A 128 -12.78 12.10 -0.59
CA GLU A 128 -11.77 12.32 0.45
C GLU A 128 -11.76 13.78 0.97
N GLN B 9 19.11 1.08 14.04
CA GLN B 9 18.61 0.59 15.36
C GLN B 9 18.80 1.62 16.47
N GLY B 10 18.23 2.78 16.23
CA GLY B 10 18.51 3.95 17.01
C GLY B 10 17.23 4.45 17.65
N GLU B 11 16.89 5.71 17.40
CA GLU B 11 15.92 6.42 18.22
C GLU B 11 14.52 6.15 17.66
N ASP B 12 13.51 5.91 18.55
CA ASP B 12 12.17 5.66 18.12
C ASP B 12 11.49 7.00 17.89
N ILE B 13 11.23 7.35 16.64
CA ILE B 13 10.67 8.67 16.34
C ILE B 13 9.16 8.61 16.14
N THR B 14 8.53 7.45 16.34
CA THR B 14 7.08 7.36 16.28
C THR B 14 6.47 8.08 17.47
N SER B 15 5.20 8.53 17.30
CA SER B 15 4.40 9.11 18.38
C SER B 15 3.97 8.01 19.31
N LYS B 16 3.51 6.88 18.76
CA LYS B 16 3.02 5.85 19.67
C LYS B 16 4.17 5.16 20.38
N LYS B 17 5.42 5.40 20.02
CA LYS B 17 6.57 4.74 20.67
C LYS B 17 6.52 3.22 20.52
N ASP B 18 6.26 2.73 19.30
CA ASP B 18 6.13 1.32 19.05
C ASP B 18 7.36 0.82 18.31
N ARG B 19 8.43 1.62 18.27
CA ARG B 19 9.66 1.31 17.54
C ARG B 19 9.36 0.96 16.07
N GLY B 20 8.42 1.63 15.44
CA GLY B 20 8.10 1.28 14.04
C GLY B 20 8.99 2.06 13.07
N VAL B 21 9.68 3.12 13.57
CA VAL B 21 10.55 3.95 12.77
C VAL B 21 11.75 4.30 13.65
N LEU B 22 12.94 3.79 13.32
CA LEU B 22 14.11 4.02 14.16
C LEU B 22 15.14 4.78 13.33
N LYS B 23 15.77 5.83 13.95
CA LYS B 23 16.54 6.78 13.19
C LYS B 23 17.92 6.94 13.85
N ILE B 24 18.96 6.99 12.99
CA ILE B 24 20.30 7.38 13.42
C ILE B 24 20.75 8.52 12.51
N VAL B 25 21.23 9.57 13.18
CA VAL B 25 21.95 10.61 12.49
C VAL B 25 23.34 10.10 12.10
N LYS B 26 23.65 10.20 10.81
CA LYS B 26 24.93 9.79 10.29
C LYS B 26 25.82 10.99 10.02
N ARG B 27 25.33 12.06 9.37
CA ARG B 27 26.10 13.31 9.31
C ARG B 27 25.23 14.43 9.81
N VAL B 28 25.75 15.21 10.74
CA VAL B 28 25.00 16.33 11.25
C VAL B 28 24.89 17.43 10.17
N GLY B 29 23.71 18.08 10.07
CA GLY B 29 23.52 19.23 9.20
C GLY B 29 23.59 20.54 9.99
N ASN B 30 23.01 21.62 9.48
CA ASN B 30 23.36 22.97 9.89
C ASN B 30 22.05 23.69 10.19
N GLY B 31 22.16 24.81 10.91
CA GLY B 31 20.98 25.54 11.32
C GLY B 31 20.19 24.80 12.41
N GLU B 32 19.10 25.44 12.86
CA GLU B 32 18.23 24.92 13.92
C GLU B 32 16.92 24.42 13.28
N GLU B 33 16.57 24.88 12.07
CA GLU B 33 15.26 24.64 11.48
C GLU B 33 15.22 23.22 10.88
N THR B 34 14.22 22.45 11.29
CA THR B 34 13.69 21.30 10.55
C THR B 34 12.46 21.76 9.78
N PRO B 35 12.04 21.00 8.74
CA PRO B 35 10.93 21.43 7.91
C PRO B 35 9.60 21.22 8.61
N MET B 36 8.64 22.06 8.22
CA MET B 36 7.29 21.99 8.71
C MET B 36 6.44 21.31 7.67
N ILE B 37 5.32 20.76 8.15
CA ILE B 37 4.37 20.12 7.28
C ILE B 37 4.11 21.13 6.18
N GLY B 38 4.11 20.62 4.95
CA GLY B 38 3.61 21.44 3.86
C GLY B 38 4.81 22.03 3.14
N ASP B 39 6.00 21.93 3.76
CA ASP B 39 7.21 22.39 3.10
C ASP B 39 7.48 21.47 1.94
N LYS B 40 8.01 22.06 0.88
CA LYS B 40 8.57 21.27 -0.18
C LYS B 40 10.01 20.96 0.21
N VAL B 41 10.34 19.68 0.07
CA VAL B 41 11.59 19.12 0.52
C VAL B 41 12.33 18.42 -0.62
N TYR B 42 13.64 18.59 -0.53
CA TYR B 42 14.57 18.13 -1.54
C TYR B 42 15.58 17.16 -0.91
N VAL B 43 15.58 15.91 -1.38
CA VAL B 43 16.43 14.93 -0.75
C VAL B 43 17.13 14.11 -1.80
N HIS B 44 18.21 13.50 -1.39
CA HIS B 44 18.69 12.28 -2.02
C HIS B 44 18.53 11.10 -1.04
N TYR B 45 18.40 9.89 -1.61
CA TYR B 45 18.18 8.71 -0.81
C TYR B 45 18.69 7.45 -1.47
N LYS B 46 18.93 6.48 -0.55
CA LYS B 46 19.18 5.10 -0.94
C LYS B 46 18.32 4.24 -0.04
N GLY B 47 17.53 3.39 -0.68
CA GLY B 47 16.55 2.55 0.01
C GLY B 47 16.68 1.11 -0.49
N LYS B 48 16.29 0.17 0.36
CA LYS B 48 16.50 -1.26 0.23
C LYS B 48 15.42 -1.87 1.13
N LEU B 49 14.90 -3.04 0.76
CA LEU B 49 14.27 -3.95 1.70
C LEU B 49 15.37 -4.39 2.63
N SER B 50 15.07 -4.63 3.89
CA SER B 50 16.15 -5.06 4.80
C SER B 50 16.72 -6.43 4.39
N ASN B 51 15.84 -7.33 3.90
CA ASN B 51 16.16 -8.57 3.17
C ASN B 51 17.38 -8.41 2.25
N GLY B 52 17.49 -7.27 1.56
CA GLY B 52 18.62 -6.93 0.71
C GLY B 52 18.25 -7.06 -0.76
N LYS B 53 17.05 -7.61 -1.04
CA LYS B 53 16.70 -8.13 -2.36
C LYS B 53 16.50 -7.02 -3.43
N LYS B 54 16.05 -5.80 -3.07
CA LYS B 54 15.78 -4.71 -4.00
C LYS B 54 16.38 -3.43 -3.43
N PHE B 55 17.05 -2.59 -4.25
CA PHE B 55 17.82 -1.42 -3.83
C PHE B 55 17.43 -0.25 -4.73
N ASP B 56 17.03 0.92 -4.18
CA ASP B 56 16.52 2.03 -5.00
C ASP B 56 17.16 3.35 -4.57
N SER B 57 17.47 4.21 -5.53
CA SER B 57 18.29 5.39 -5.31
C SER B 57 17.85 6.53 -6.23
N SER B 58 17.60 7.71 -5.64
CA SER B 58 17.48 8.97 -6.37
C SER B 58 18.61 9.16 -7.40
N HIS B 59 19.86 8.81 -7.06
CA HIS B 59 20.97 8.94 -8.00
C HIS B 59 20.69 8.23 -9.32
N ASP B 60 19.97 7.10 -9.26
CA ASP B 60 19.61 6.36 -10.47
C ASP B 60 18.71 7.15 -11.43
N ARG B 61 18.02 8.19 -10.96
CA ARG B 61 17.28 9.04 -11.88
C ARG B 61 18.07 10.35 -12.09
N ASN B 62 19.38 10.35 -11.72
CA ASN B 62 20.28 11.50 -11.75
C ASN B 62 19.57 12.78 -11.27
N GLU B 63 18.76 12.72 -10.21
CA GLU B 63 18.10 13.95 -9.78
C GLU B 63 17.66 13.82 -8.32
N PRO B 64 17.61 14.94 -7.55
CA PRO B 64 17.02 14.92 -6.22
C PRO B 64 15.57 14.50 -6.26
N PHE B 65 15.12 13.81 -5.21
CA PHE B 65 13.71 13.54 -5.01
C PHE B 65 13.09 14.70 -4.23
N VAL B 66 11.92 15.14 -4.70
CA VAL B 66 11.24 16.33 -4.19
C VAL B 66 9.83 15.90 -3.84
N PHE B 67 9.33 16.32 -2.66
CA PHE B 67 7.96 16.03 -2.29
C PHE B 67 7.53 17.08 -1.29
N SER B 68 6.24 17.10 -1.02
CA SER B 68 5.69 18.08 -0.08
C SER B 68 5.46 17.31 1.21
N LEU B 69 6.14 17.72 2.27
CA LEU B 69 6.17 16.99 3.52
C LEU B 69 4.79 16.97 4.17
N GLY B 70 4.46 15.82 4.70
CA GLY B 70 3.27 15.65 5.53
C GLY B 70 1.97 15.50 4.76
N LYS B 71 2.03 15.35 3.44
CA LYS B 71 0.85 15.31 2.56
C LYS B 71 0.61 13.84 2.18
N GLY B 72 1.27 12.90 2.86
CA GLY B 72 1.24 11.50 2.47
C GLY B 72 1.41 11.23 0.95
N GLN B 73 2.32 11.93 0.27
CA GLN B 73 2.80 11.55 -1.04
C GLN B 73 3.93 10.54 -0.90
N VAL B 74 4.36 10.28 0.32
CA VAL B 74 5.31 9.22 0.61
C VAL B 74 4.82 8.37 1.77
N ILE B 75 5.51 7.29 2.07
CA ILE B 75 5.16 6.47 3.18
C ILE B 75 5.32 7.29 4.48
N LYS B 76 4.54 6.86 5.49
CA LYS B 76 4.36 7.58 6.75
C LYS B 76 5.74 7.80 7.38
N ALA B 77 6.63 6.86 7.31
CA ALA B 77 7.89 6.94 7.97
C ALA B 77 8.73 8.10 7.44
N TRP B 78 8.49 8.42 6.18
CA TRP B 78 9.21 9.50 5.57
C TRP B 78 8.65 10.83 6.03
N ASP B 79 7.33 10.93 6.13
CA ASP B 79 6.73 12.16 6.56
C ASP B 79 7.17 12.44 8.00
N ILE B 80 7.27 11.37 8.79
CA ILE B 80 7.69 11.49 10.20
C ILE B 80 9.18 11.78 10.23
N GLY B 81 9.97 11.00 9.47
CA GLY B 81 11.41 10.97 9.52
C GLY B 81 12.03 12.27 9.00
N VAL B 82 11.62 12.65 7.78
CA VAL B 82 12.24 13.77 7.16
C VAL B 82 11.92 15.05 7.94
N ALA B 83 10.77 15.11 8.59
CA ALA B 83 10.46 16.18 9.49
C ALA B 83 11.48 16.34 10.63
N THR B 84 12.25 15.32 11.02
CA THR B 84 13.14 15.48 12.17
C THR B 84 14.48 15.97 11.64
N MET B 85 14.66 16.15 10.34
CA MET B 85 16.01 16.36 9.88
C MET B 85 16.34 17.85 9.69
N LYS B 86 17.65 18.16 9.72
CA LYS B 86 18.16 19.48 9.39
C LYS B 86 18.75 19.47 7.98
N LYS B 87 18.87 20.66 7.33
CA LYS B 87 19.47 20.77 6.02
C LYS B 87 20.90 20.30 6.12
N GLY B 88 21.33 19.47 5.17
CA GLY B 88 22.68 18.89 5.18
C GLY B 88 22.81 17.61 6.00
N GLU B 89 21.80 17.23 6.79
CA GLU B 89 21.81 16.00 7.58
C GLU B 89 21.69 14.78 6.66
N ILE B 90 22.41 13.74 7.06
CA ILE B 90 22.22 12.42 6.50
C ILE B 90 21.80 11.53 7.63
N ALA B 91 20.71 10.78 7.42
CA ALA B 91 20.18 9.90 8.45
C ALA B 91 19.82 8.52 7.92
N HIS B 92 19.83 7.52 8.82
CA HIS B 92 19.47 6.15 8.52
C HIS B 92 18.15 5.94 9.22
N LEU B 93 17.13 5.47 8.47
CA LEU B 93 15.87 5.02 9.05
C LEU B 93 15.68 3.52 8.84
N LEU B 94 15.23 2.87 9.91
CA LEU B 94 14.73 1.50 9.89
C LEU B 94 13.20 1.47 10.13
N ILE B 95 12.47 0.90 9.18
CA ILE B 95 11.03 1.09 9.15
C ILE B 95 10.28 -0.25 9.15
N LYS B 96 9.47 -0.47 10.19
CA LYS B 96 8.58 -1.61 10.22
C LYS B 96 7.44 -1.41 9.21
N PRO B 97 6.74 -2.48 8.78
CA PRO B 97 5.74 -2.40 7.70
C PRO B 97 4.60 -1.45 7.96
N GLU B 98 4.18 -1.32 9.23
CA GLU B 98 3.12 -0.43 9.62
C GLU B 98 3.41 1.03 9.32
N TYR B 99 4.69 1.46 9.10
CA TYR B 99 5.00 2.81 8.69
C TYR B 99 5.44 2.84 7.23
N ALA B 100 5.12 1.78 6.46
CA ALA B 100 5.64 1.62 5.15
C ALA B 100 4.47 1.02 4.30
N TYR B 101 4.54 -0.20 3.81
CA TYR B 101 3.44 -0.69 2.90
C TYR B 101 2.54 -1.72 3.56
N GLY B 102 2.77 -2.00 4.88
CA GLY B 102 1.82 -2.77 5.67
C GLY B 102 1.70 -4.23 5.27
N SER B 103 0.63 -4.88 5.75
CA SER B 103 0.36 -6.29 5.44
C SER B 103 -0.12 -6.48 3.99
N ALA B 104 -0.59 -5.41 3.35
CA ALA B 104 -0.95 -5.45 1.93
C ALA B 104 0.30 -5.50 1.05
N GLY B 105 1.40 -4.90 1.49
CA GLY B 105 2.57 -4.80 0.61
C GLY B 105 2.30 -3.83 -0.54
N SER B 106 3.17 -3.87 -1.52
CA SER B 106 3.02 -3.06 -2.71
C SER B 106 3.77 -3.78 -3.83
N LEU B 107 3.22 -4.89 -4.24
CA LEU B 107 3.88 -5.70 -5.26
C LEU B 107 3.96 -4.98 -6.62
N PRO B 108 4.96 -5.29 -7.46
CA PRO B 108 5.91 -6.37 -7.19
C PRO B 108 7.12 -5.93 -6.36
N LYS B 109 7.27 -4.65 -6.09
CA LYS B 109 8.55 -4.37 -5.45
C LYS B 109 8.53 -4.64 -3.95
N ILE B 110 7.43 -4.44 -3.24
CA ILE B 110 7.44 -4.58 -1.78
C ILE B 110 6.49 -5.67 -1.33
N PRO B 111 6.94 -6.73 -0.66
CA PRO B 111 6.01 -7.71 -0.15
C PRO B 111 5.24 -7.28 1.09
N SER B 112 4.26 -8.13 1.37
CA SER B 112 3.53 -8.13 2.62
C SER B 112 4.49 -7.97 3.81
N ASN B 113 4.18 -7.11 4.76
CA ASN B 113 4.94 -6.99 6.00
C ASN B 113 6.45 -6.81 5.78
N ALA B 114 6.91 -6.07 4.77
CA ALA B 114 8.37 -5.85 4.60
C ALA B 114 8.90 -4.66 5.43
N THR B 115 10.07 -4.88 6.00
CA THR B 115 10.87 -3.89 6.68
C THR B 115 11.82 -3.23 5.70
N LEU B 116 11.93 -1.90 5.74
CA LEU B 116 12.69 -1.09 4.81
C LEU B 116 13.78 -0.33 5.56
N PHE B 117 14.88 -0.10 4.84
CA PHE B 117 15.93 0.79 5.27
C PHE B 117 16.10 1.90 4.22
N PHE B 118 16.26 3.16 4.72
CA PHE B 118 16.82 4.21 3.90
C PHE B 118 17.99 4.93 4.57
N GLU B 119 18.86 5.43 3.73
CA GLU B 119 19.74 6.54 4.06
C GLU B 119 19.19 7.74 3.29
N ILE B 120 18.91 8.84 4.02
CA ILE B 120 18.43 10.09 3.47
C ILE B 120 19.37 11.24 3.76
N GLU B 121 19.57 12.05 2.72
CA GLU B 121 20.27 13.33 2.80
C GLU B 121 19.28 14.45 2.50
N LEU B 122 18.95 15.22 3.54
CA LEU B 122 18.11 16.39 3.36
C LEU B 122 18.90 17.52 2.72
N LEU B 123 18.54 17.89 1.48
CA LEU B 123 19.35 18.86 0.77
C LEU B 123 18.85 20.26 1.11
N ASP B 124 17.53 20.42 1.12
CA ASP B 124 16.94 21.75 1.26
C ASP B 124 15.44 21.60 1.51
N PHE B 125 14.77 22.70 1.92
CA PHE B 125 13.34 22.76 2.06
C PHE B 125 12.88 24.20 1.97
N LYS B 126 11.67 24.43 1.43
CA LYS B 126 11.14 25.72 0.97
C LYS B 126 9.64 25.74 1.32
N GLY B 127 9.14 26.97 1.54
CA GLY B 127 7.78 27.30 1.99
C GLY B 127 6.68 26.65 1.16
N GLU B 128 5.68 26.09 1.88
CA GLU B 128 4.58 25.27 1.38
C GLU B 128 3.74 26.05 0.35
C4 A1IOG C . -7.16 -11.05 4.89
C14 A1IOG C . -6.83 -6.03 5.71
C5 A1IOG C . -7.88 -10.67 6.00
C6 A1IOG C . -7.18 -10.21 7.11
C11 A1IOG C . -9.02 -7.41 10.02
C7 A1IOG C . -5.81 -10.35 7.22
C8 A1IOG C . -4.53 -8.73 8.33
C9 A1IOG C . -9.01 -9.40 8.53
C10 A1IOG C . -8.53 -7.98 8.75
C12 A1IOG C . -8.61 -6.15 7.22
C13 A1IOG C . -8.14 -6.04 5.81
N1 A1IOG C . -8.03 -9.27 2.35
C3 A1IOG C . -5.78 -11.09 4.93
C1 A1IOG C . -2.86 -11.00 5.20
O1 A1IOG C . -3.75 -10.84 6.30
C2 A1IOG C . -5.10 -10.79 6.12
O2 A1IOG C . -5.17 -9.98 8.39
O3 A1IOG C . -7.72 -9.98 8.31
O4 A1IOG C . -9.31 -8.47 10.91
O5 A1IOG C . -8.95 -7.42 7.52
C15 A1IOG C . -6.04 -5.63 4.51
C16 A1IOG C . -5.21 -4.63 5.41
C17 A1IOG C . -5.24 -6.68 3.72
C18 A1IOG C . -4.25 -7.46 4.61
O6 A1IOG C . -6.22 -7.63 3.20
C19 A1IOG C . -6.46 -7.43 1.91
O7 A1IOG C . -5.94 -6.63 1.21
C20 A1IOG C . -7.48 -8.41 1.32
C21 A1IOG C . -8.51 -7.58 0.57
C22 A1IOG C . -9.40 -6.86 1.53
C23 A1IOG C . -10.02 -7.80 2.50
C24 A1IOG C . -9.02 -8.64 3.24
C25 A1IOG C . -7.44 -10.49 2.50
O8 A1IOG C . -6.43 -10.78 1.84
C26 A1IOG C . -7.88 -11.41 3.60
C27 A1IOG C . -7.61 -12.88 3.25
C28 A1IOG C . -8.44 -13.33 2.05
C29 A1IOG C . -8.11 -14.72 1.77
C30 A1IOG C . -8.64 -15.62 2.84
C31 A1IOG C . -7.71 -15.31 3.99
C32 A1IOG C . -7.85 -13.83 4.39
H18 A1IOG C . -6.33 -6.27 6.47
H5 A1IOG C . -8.82 -10.59 5.95
H12 A1IOG C . -9.84 -6.89 9.84
H13 A1IOG C . -8.34 -6.82 10.40
H7 A1IOG C . -4.09 -8.55 9.18
H8 A1IOG C . -5.18 -8.04 8.16
H6 A1IOG C . -3.87 -8.74 7.63
H9 A1IOG C . -9.45 -9.77 9.31
H10 A1IOG C . -9.59 -9.46 7.74
H11 A1IOG C . -7.55 -7.98 8.78
H16 A1IOG C . -9.39 -5.57 7.34
H15 A1IOG C . -7.90 -5.85 7.83
H17 A1IOG C . -8.72 -5.93 5.07
H4 A1IOG C . -5.30 -11.38 4.18
H2 A1IOG C . -1.94 -10.93 5.51
H3 A1IOG C . -3.03 -10.32 4.54
H1 A1IOG C . -2.99 -11.88 4.80
H14 A1IOG C . -9.56 -8.09 11.61
H19 A1IOG C . -6.63 -5.11 3.90
H21 A1IOG C . -4.69 -5.12 6.07
H22 A1IOG C . -5.81 -4.02 5.87
H20 A1IOG C . -4.60 -4.12 4.85
H23 A1IOG C . -4.76 -6.23 2.97
H25 A1IOG C . -4.74 -7.91 5.32
H26 A1IOG C . -3.61 -6.84 5.00
H24 A1IOG C . -3.78 -8.12 4.08
H27 A1IOG C . -7.00 -8.98 0.66
H29 A1IOG C . -8.06 -6.93 -0.03
H28 A1IOG C . -9.06 -8.18 0.01
H30 A1IOG C . -10.10 -6.37 1.04
H31 A1IOG C . -8.87 -6.19 2.02
H32 A1IOG C . -10.63 -8.41 2.01
H33 A1IOG C . -10.56 -7.31 3.13
H34 A1IOG C . -9.49 -9.33 3.74
H35 A1IOG C . -8.54 -8.07 3.89
H36 A1IOG C . -8.85 -11.30 3.74
H37 A1IOG C . -6.65 -12.96 3.00
H39 A1IOG C . -9.40 -13.25 2.27
H38 A1IOG C . -8.24 -12.78 1.27
H40 A1IOG C . -7.14 -14.82 1.70
H41 A1IOG C . -8.50 -14.97 0.91
H42 A1IOG C . -8.57 -16.57 2.57
H43 A1IOG C . -9.57 -15.40 3.07
H44 A1IOG C . -6.78 -15.48 3.71
H45 A1IOG C . -7.91 -15.88 4.75
H47 A1IOG C . -8.76 -13.69 4.74
H46 A1IOG C . -7.23 -13.64 5.12
C4 A1IOG D . 10.03 2.90 -4.07
C14 A1IOG D . 7.97 7.18 -5.04
C5 A1IOG D . 10.52 3.43 -5.21
C6 A1IOG D . 9.73 3.37 -6.36
C11 A1IOG D . 10.82 6.40 -9.51
C7 A1IOG D . 8.49 2.75 -6.40
C8 A1IOG D . 7.18 3.93 -7.96
C9 A1IOG D . 11.27 4.68 -7.73
C10 A1IOG D . 10.50 5.91 -8.13
C12 A1IOG D . 9.57 7.49 -6.71
C13 A1IOG D . 9.31 7.51 -5.26
N1 A1IOG D . 10.20 4.95 -1.59
C3 A1IOG D . 8.75 2.32 -4.04
C1 A1IOG D . 6.12 1.09 -4.17
O1 A1IOG D . 6.74 1.68 -5.31
C2 A1IOG D . 8.01 2.17 -5.22
O2 A1IOG D . 7.76 2.71 -7.59
O3 A1IOG D . 10.11 3.83 -7.57
O4 A1IOG D . 9.52 6.55 -10.03
O5 A1IOG D . 10.74 6.89 -7.14
C15 A1IOG D . 7.02 7.43 -3.91
C16 A1IOG D . 5.78 8.13 -4.52
C17 A1IOG D . 6.69 6.16 -3.12
C18 A1IOG D . 6.27 5.04 -4.04
O6 A1IOG D . 7.93 5.75 -2.37
C19 A1IOG D . 8.00 5.99 -1.03
O7 A1IOG D . 7.11 6.47 -0.38
C20 A1IOG D . 9.37 5.55 -0.49
C21 A1IOG D . 10.09 6.80 0.09
C22 A1IOG D . 10.48 7.77 -1.02
C23 A1IOG D . 11.43 7.15 -2.01
C24 A1IOG D . 10.96 5.80 -2.58
C25 A1IOG D . 10.12 3.62 -1.78
O8 A1IOG D . 9.46 2.98 -0.96
C26 A1IOG D . 10.92 2.93 -2.84
C27 A1IOG D . 11.36 1.51 -2.41
C28 A1IOG D . 12.45 1.56 -1.31
C29 A1IOG D . 12.91 0.19 -0.88
C30 A1IOG D . 13.51 -0.49 -2.08
C31 A1IOG D . 12.34 -0.72 -3.06
C32 A1IOG D . 11.87 0.67 -3.55
H18 A1IOG D . 7.58 6.77 -5.79
H5 A1IOG D . 11.38 3.82 -5.22
H12 A1IOG D . 11.34 5.74 -10.02
H13 A1IOG D . 11.28 7.28 -9.47
H7 A1IOG D . 6.59 3.79 -8.72
H8 A1IOG D . 7.87 4.57 -8.21
H6 A1IOG D . 6.66 4.29 -7.23
H9 A1IOG D . 11.88 4.36 -8.43
H10 A1IOG D . 11.76 4.80 -6.88
H11 A1IOG D . 9.55 5.70 -8.12
H16 A1IOG D . 9.60 8.43 -7.02
H15 A1IOG D . 8.82 7.05 -7.17
H17 A1IOG D . 9.91 7.81 -4.59
H4 A1IOG D . 8.44 1.92 -3.24
H2 A1IOG D . 5.24 0.75 -4.41
H3 A1IOG D . 6.04 1.76 -3.47
H1 A1IOG D . 6.67 0.35 -3.85
H14 A1IOG D . 9.64 6.83 -10.88
H19 A1IOG D . 7.45 8.07 -3.28
H21 A1IOG D . 5.41 7.58 -5.23
H22 A1IOG D . 6.04 8.99 -4.89
H20 A1IOG D . 5.10 8.27 -3.83
H23 A1IOG D . 5.96 6.36 -2.48
H25 A1IOG D . 7.01 4.78 -4.62
H26 A1IOG D . 5.52 5.34 -4.59
H24 A1IOG D . 5.99 4.27 -3.51
H27 A1IOG D . 9.24 4.88 0.23
H29 A1IOG D . 9.49 7.24 0.73
H28 A1IOG D . 10.89 6.50 0.57
H30 A1IOG D . 10.90 8.57 -0.62
H31 A1IOG D . 9.67 8.08 -1.49
H32 A1IOG D . 12.30 7.03 -1.58
H33 A1IOG D . 11.57 7.79 -2.75
H34 A1IOG D . 11.75 5.30 -2.89
H35 A1IOG D . 10.38 5.97 -3.37
H36 A1IOG D . 11.72 3.47 -3.06
H37 A1IOG D . 10.56 1.05 -2.04
H39 A1IOG D . 13.21 2.07 -1.65
H38 A1IOG D . 12.10 2.04 -0.53
H40 A1IOG D . 12.14 -0.33 -0.54
H41 A1IOG D . 13.57 0.27 -0.16
H42 A1IOG D . 13.91 -1.35 -1.82
H43 A1IOG D . 14.19 0.09 -2.49
H44 A1IOG D . 11.60 -1.19 -2.61
H45 A1IOG D . 12.64 -1.27 -3.83
H47 A1IOG D . 12.62 1.13 -3.99
H46 A1IOG D . 11.16 0.56 -4.22
#